data_7G9W
#
_entry.id   7G9W
#
_cell.length_a   54.200
_cell.length_b   70.133
_cell.length_c   58.000
_cell.angle_alpha   90.000
_cell.angle_beta   92.180
_cell.angle_gamma   90.000
#
_symmetry.space_group_name_H-M   'P 1 21 1'
#
loop_
_entity.id
_entity.type
_entity.pdbx_description
1 polymer 'Serine protease NS3'
2 non-polymer 1,2-ETHANEDIOL
3 non-polymer 'PHOSPHATE ION'
4 non-polymer (4S)-2-METHYL-2,4-PENTANEDIOL
5 non-polymer N-[(3,5-dimethyl-1H-pyrazol-4-yl)methyl]cyclohexanamine
6 water water
#
_entity_poly.entity_id   1
_entity_poly.type   'polypeptide(L)'
_entity_poly.pdbx_seq_one_letter_code
;MLKKKQLTVLDLHPGAGKTRRVLPEIVREAIKKRLRTVILAPTRVVAAEMEEALRGLPVRYMTTAVNVTHSGTEIVDLMC
HATFTSRLLQPIRVPNYNLNIMDEAHFTDPSSIAARGYISTRVEMGEAAAIFMTATPPGTRDAFPDSNSPIMDTEVEVPE
RAWSSGFDWVTDHSGKTVWFVPSVRNGNEIAACLTKAGKRVIQLSRKTFETEFQKTKNQEWDFVITTDISEMGANFKADR
VIDSRRCLKPVILDGERVILAGPMPVTHASAAQRRGRIGRNPNKPGDEYMYGGGCAETDEGHAHWLEARMLLDNIYLQDG
LIASLYRPEADKVAAIEGEFKLRTEQRKTFVELMKRGDLPVWLAYQVASAGITYTDRRWCFDGTTNNTIMEDSVPAEVWT
KYGEKRVLKPRWMDARVCSDHAALKSFKEFAAGKR
;
_entity_poly.pdbx_strand_id   A
#
loop_
_chem_comp.id
_chem_comp.type
_chem_comp.name
_chem_comp.formula
8C2 non-polymer N-[(3,5-dimethyl-1H-pyrazol-4-yl)methyl]cyclohexanamine 'C12 H21 N3'
EDO non-polymer 1,2-ETHANEDIOL 'C2 H6 O2'
MPD non-polymer (4S)-2-METHYL-2,4-PENTANEDIOL 'C6 H14 O2'
PO4 non-polymer 'PHOSPHATE ION' 'O4 P -3'
#
# COMPACT_ATOMS: atom_id res chain seq x y z
N MET A 1 -17.20 -19.64 -10.50
CA MET A 1 -16.95 -18.45 -9.71
C MET A 1 -17.62 -17.20 -10.28
N LEU A 2 -17.71 -17.13 -11.62
CA LEU A 2 -18.19 -15.98 -12.38
C LEU A 2 -19.69 -15.65 -12.24
N LYS A 3 -20.49 -16.54 -11.61
CA LYS A 3 -21.92 -16.31 -11.42
C LYS A 3 -22.17 -15.11 -10.54
N LYS A 4 -23.15 -14.27 -10.93
CA LYS A 4 -23.55 -13.07 -10.18
C LYS A 4 -23.91 -13.40 -8.71
N LYS A 5 -23.96 -12.39 -7.83
CA LYS A 5 -24.26 -12.53 -6.40
C LYS A 5 -23.25 -13.39 -5.63
N GLN A 6 -22.05 -13.64 -6.18
CA GLN A 6 -21.05 -14.45 -5.48
C GLN A 6 -19.67 -13.78 -5.36
N LEU A 7 -19.10 -13.85 -4.15
CA LEU A 7 -17.76 -13.35 -3.84
C LEU A 7 -16.93 -14.60 -3.49
N THR A 8 -15.88 -14.86 -4.25
CA THR A 8 -15.02 -16.00 -4.00
C THR A 8 -13.64 -15.54 -3.50
N VAL A 9 -13.10 -16.22 -2.47
CA VAL A 9 -11.75 -15.90 -1.99
C VAL A 9 -10.78 -16.99 -2.49
N LEU A 10 -9.96 -16.67 -3.51
CA LEU A 10 -8.96 -17.60 -4.06
C LEU A 10 -7.73 -17.55 -3.14
N ASP A 11 -7.65 -18.51 -2.19
CA ASP A 11 -6.61 -18.48 -1.18
C ASP A 11 -5.50 -19.54 -1.31
N LEU A 12 -5.07 -19.86 -2.53
CA LEU A 12 -3.93 -20.80 -2.71
C LEU A 12 -2.65 -20.20 -2.07
N HIS A 13 -1.73 -21.06 -1.58
CA HIS A 13 -0.49 -20.65 -0.90
C HIS A 13 0.44 -19.77 -1.77
N PRO A 14 1.33 -18.95 -1.16
CA PRO A 14 2.22 -18.09 -1.97
C PRO A 14 3.08 -18.88 -2.95
N GLY A 15 3.03 -18.50 -4.22
CA GLY A 15 3.76 -19.20 -5.27
C GLY A 15 3.00 -20.33 -5.93
N ALA A 16 1.69 -20.49 -5.63
CA ALA A 16 0.90 -21.56 -6.25
C ALA A 16 0.56 -21.28 -7.72
N GLY A 17 0.64 -20.03 -8.16
CA GLY A 17 0.38 -19.68 -9.55
C GLY A 17 -0.94 -18.97 -9.79
N LYS A 18 -1.41 -18.21 -8.79
CA LYS A 18 -2.67 -17.47 -8.95
C LYS A 18 -2.58 -16.46 -10.11
N THR A 19 -1.49 -15.69 -10.19
CA THR A 19 -1.31 -14.67 -11.24
C THR A 19 -0.99 -15.23 -12.65
N ARG A 20 -0.01 -16.13 -12.77
CA ARG A 20 0.40 -16.62 -14.08
C ARG A 20 -0.39 -17.81 -14.62
N ARG A 21 -1.07 -18.59 -13.75
CA ARG A 21 -1.81 -19.75 -14.22
C ARG A 21 -3.34 -19.65 -14.10
N VAL A 22 -3.84 -19.30 -12.91
CA VAL A 22 -5.28 -19.21 -12.68
C VAL A 22 -5.91 -17.97 -13.34
N LEU A 23 -5.32 -16.77 -13.14
CA LEU A 23 -5.84 -15.53 -13.72
C LEU A 23 -6.10 -15.58 -15.26
N PRO A 24 -5.21 -16.11 -16.14
CA PRO A 24 -5.54 -16.16 -17.58
C PRO A 24 -6.78 -17.02 -17.90
N GLU A 25 -6.98 -18.13 -17.16
CA GLU A 25 -8.12 -19.04 -17.31
C GLU A 25 -9.45 -18.30 -16.99
N ILE A 26 -9.44 -17.49 -15.91
CA ILE A 26 -10.61 -16.72 -15.51
C ILE A 26 -10.98 -15.71 -16.60
N VAL A 27 -9.95 -14.98 -17.11
CA VAL A 27 -10.11 -13.98 -18.16
C VAL A 27 -10.69 -14.58 -19.43
N ARG A 28 -10.22 -15.78 -19.84
CA ARG A 28 -10.73 -16.48 -21.01
C ARG A 28 -12.21 -16.78 -20.86
N GLU A 29 -12.60 -17.31 -19.70
CA GLU A 29 -13.98 -17.64 -19.39
C GLU A 29 -14.89 -16.40 -19.37
N ALA A 30 -14.42 -15.28 -18.77
CA ALA A 30 -15.19 -14.03 -18.70
C ALA A 30 -15.45 -13.43 -20.10
N ILE A 31 -14.44 -13.52 -20.99
CA ILE A 31 -14.54 -13.08 -22.39
C ILE A 31 -15.58 -13.95 -23.15
N LYS A 32 -15.56 -15.29 -22.93
CA LYS A 32 -16.49 -16.25 -23.54
C LYS A 32 -17.93 -15.98 -23.09
N LYS A 33 -18.12 -15.57 -21.83
CA LYS A 33 -19.47 -15.26 -21.30
C LYS A 33 -19.89 -13.80 -21.48
N ARG A 34 -19.06 -12.98 -22.16
CA ARG A 34 -19.31 -11.55 -22.40
C ARG A 34 -19.55 -10.75 -21.11
N LEU A 35 -18.72 -11.00 -20.10
CA LEU A 35 -18.80 -10.30 -18.83
C LEU A 35 -17.85 -9.10 -18.89
N ARG A 36 -18.36 -7.88 -18.66
CA ARG A 36 -17.52 -6.67 -18.61
C ARG A 36 -16.67 -6.82 -17.32
N THR A 37 -15.33 -6.92 -17.46
CA THR A 37 -14.44 -7.25 -16.35
C THR A 37 -13.37 -6.19 -16.00
N VAL A 38 -13.04 -6.07 -14.72
CA VAL A 38 -11.96 -5.20 -14.26
C VAL A 38 -10.98 -6.06 -13.45
N ILE A 39 -9.68 -5.86 -13.71
CA ILE A 39 -8.57 -6.53 -13.03
C ILE A 39 -7.79 -5.45 -12.28
N LEU A 40 -7.65 -5.60 -10.96
CA LEU A 40 -7.00 -4.61 -10.10
C LEU A 40 -5.61 -5.06 -9.59
N ALA A 41 -4.55 -4.35 -10.00
CA ALA A 41 -3.16 -4.62 -9.61
C ALA A 41 -2.73 -3.69 -8.44
N PRO A 42 -2.00 -4.16 -7.42
CA PRO A 42 -1.64 -3.26 -6.30
C PRO A 42 -0.65 -2.14 -6.68
N THR A 43 0.34 -2.43 -7.53
CA THR A 43 1.40 -1.50 -7.95
C THR A 43 1.61 -1.53 -9.50
N ARG A 44 2.39 -0.58 -10.03
CA ARG A 44 2.71 -0.52 -11.44
CA ARG A 44 2.71 -0.53 -11.45
C ARG A 44 3.63 -1.69 -11.87
N VAL A 45 4.48 -2.20 -10.94
CA VAL A 45 5.40 -3.31 -11.17
C VAL A 45 4.59 -4.60 -11.40
N VAL A 46 3.55 -4.83 -10.57
CA VAL A 46 2.70 -6.02 -10.75
C VAL A 46 1.87 -5.91 -12.05
N ALA A 47 1.45 -4.69 -12.41
CA ALA A 47 0.72 -4.47 -13.66
C ALA A 47 1.53 -4.94 -14.88
N ALA A 48 2.85 -4.66 -14.89
CA ALA A 48 3.76 -5.09 -15.95
C ALA A 48 3.90 -6.63 -15.98
N GLU A 49 3.97 -7.27 -14.80
CA GLU A 49 4.02 -8.74 -14.73
C GLU A 49 2.75 -9.39 -15.25
N MET A 50 1.61 -8.73 -15.03
CA MET A 50 0.30 -9.20 -15.47
C MET A 50 0.17 -9.18 -16.98
N GLU A 51 0.78 -8.18 -17.64
CA GLU A 51 0.74 -8.12 -19.10
C GLU A 51 1.50 -9.31 -19.70
N GLU A 52 2.62 -9.72 -19.07
CA GLU A 52 3.38 -10.86 -19.56
C GLU A 52 2.60 -12.19 -19.41
N ALA A 53 1.83 -12.34 -18.33
CA ALA A 53 1.00 -13.53 -18.13
C ALA A 53 -0.23 -13.54 -19.04
N LEU A 54 -0.76 -12.36 -19.37
CA LEU A 54 -1.95 -12.23 -20.22
C LEU A 54 -1.62 -11.86 -21.67
N ARG A 55 -0.36 -11.97 -22.09
CA ARG A 55 0.03 -11.60 -23.47
C ARG A 55 -0.72 -12.39 -24.53
N GLY A 56 -1.31 -11.67 -25.48
CA GLY A 56 -2.11 -12.27 -26.55
C GLY A 56 -3.60 -12.04 -26.37
N LEU A 57 -4.07 -12.01 -25.11
CA LEU A 57 -5.47 -11.81 -24.76
C LEU A 57 -5.89 -10.34 -24.93
N PRO A 58 -7.14 -10.07 -25.36
CA PRO A 58 -7.58 -8.67 -25.52
C PRO A 58 -7.88 -7.93 -24.21
N VAL A 59 -6.85 -7.34 -23.61
CA VAL A 59 -6.99 -6.59 -22.37
C VAL A 59 -6.61 -5.12 -22.58
N ARG A 60 -7.41 -4.21 -22.02
CA ARG A 60 -7.17 -2.78 -22.11
C ARG A 60 -6.40 -2.30 -20.87
N TYR A 61 -5.14 -1.91 -21.05
CA TYR A 61 -4.26 -1.47 -19.97
C TYR A 61 -4.39 0.03 -19.67
N MET A 62 -5.09 0.37 -18.59
CA MET A 62 -5.30 1.75 -18.19
C MET A 62 -4.19 2.20 -17.21
N THR A 63 -2.93 2.11 -17.68
CA THR A 63 -1.71 2.46 -16.95
C THR A 63 -0.56 2.79 -17.94
N THR A 64 0.34 3.73 -17.56
CA THR A 64 1.50 4.01 -18.41
C THR A 64 2.68 3.05 -18.14
N ALA A 65 2.54 2.11 -17.19
CA ALA A 65 3.58 1.13 -16.90
C ALA A 65 3.71 0.06 -18.03
N VAL A 66 2.73 0.03 -18.96
CA VAL A 66 2.66 -0.88 -20.09
C VAL A 66 2.60 -0.04 -21.40
N ASN A 67 3.38 -0.43 -22.43
CA ASN A 67 3.37 0.27 -23.70
C ASN A 67 2.69 -0.60 -24.75
N VAL A 68 1.35 -0.45 -24.89
CA VAL A 68 0.59 -1.28 -25.83
C VAL A 68 -0.29 -0.48 -26.79
N THR A 69 -0.42 -0.96 -28.04
CA THR A 69 -1.30 -0.32 -29.03
C THR A 69 -2.67 -1.03 -28.97
N HIS A 70 -3.63 -0.45 -28.22
CA HIS A 70 -4.96 -1.03 -28.03
C HIS A 70 -5.83 -1.02 -29.29
N SER A 71 -6.49 -2.16 -29.55
CA SER A 71 -7.33 -2.39 -30.73
C SER A 71 -8.75 -1.82 -30.64
N GLY A 72 -9.22 -1.54 -29.42
CA GLY A 72 -10.57 -1.03 -29.23
C GLY A 72 -11.63 -2.13 -29.14
N THR A 73 -11.22 -3.42 -29.18
CA THR A 73 -12.11 -4.58 -29.10
C THR A 73 -12.14 -5.20 -27.68
N GLU A 74 -11.65 -4.49 -26.66
CA GLU A 74 -11.56 -5.05 -25.31
C GLU A 74 -12.78 -4.85 -24.42
N ILE A 75 -13.21 -5.93 -23.75
CA ILE A 75 -14.24 -5.86 -22.70
C ILE A 75 -13.61 -6.12 -21.28
N VAL A 76 -12.27 -6.29 -21.20
CA VAL A 76 -11.55 -6.46 -19.94
C VAL A 76 -10.60 -5.26 -19.71
N ASP A 77 -10.74 -4.57 -18.58
CA ASP A 77 -9.85 -3.44 -18.26
C ASP A 77 -8.89 -3.83 -17.14
N LEU A 78 -7.68 -3.29 -17.16
CA LEU A 78 -6.71 -3.53 -16.10
C LEU A 78 -6.19 -2.18 -15.59
N MET A 79 -6.25 -1.96 -14.27
CA MET A 79 -5.75 -0.75 -13.63
C MET A 79 -5.29 -1.02 -12.18
N CYS A 80 -4.57 -0.06 -11.56
CA CYS A 80 -4.10 -0.21 -10.17
C CYS A 80 -5.25 -0.05 -9.16
N HIS A 81 -5.08 -0.55 -7.90
CA HIS A 81 -6.08 -0.41 -6.84
C HIS A 81 -6.44 1.09 -6.62
N ALA A 82 -5.42 1.98 -6.50
CA ALA A 82 -5.62 3.42 -6.28
C ALA A 82 -6.30 4.16 -7.45
N THR A 83 -6.05 3.72 -8.69
CA THR A 83 -6.69 4.31 -9.88
C THR A 83 -8.21 4.07 -9.87
N PHE A 84 -8.65 2.84 -9.53
CA PHE A 84 -10.07 2.48 -9.44
C PHE A 84 -10.81 3.42 -8.46
N THR A 85 -10.28 3.54 -7.22
CA THR A 85 -10.86 4.39 -6.15
C THR A 85 -10.87 5.88 -6.51
N SER A 86 -9.82 6.36 -7.18
CA SER A 86 -9.70 7.74 -7.62
C SER A 86 -10.78 8.09 -8.66
N ARG A 87 -10.98 7.19 -9.62
CA ARG A 87 -11.99 7.40 -10.66
C ARG A 87 -13.41 7.34 -10.10
N LEU A 88 -13.65 6.53 -9.03
CA LEU A 88 -14.94 6.46 -8.35
C LEU A 88 -15.24 7.83 -7.72
N LEU A 89 -14.27 8.43 -7.03
CA LEU A 89 -14.36 9.73 -6.35
C LEU A 89 -14.53 10.95 -7.28
N GLN A 90 -13.87 10.93 -8.44
CA GLN A 90 -13.95 12.02 -9.42
C GLN A 90 -15.26 12.05 -10.22
N PRO A 91 -15.63 13.20 -10.86
CA PRO A 91 -16.85 13.22 -11.68
C PRO A 91 -16.63 12.59 -13.07
N ILE A 92 -16.29 11.31 -13.10
CA ILE A 92 -16.09 10.50 -14.29
C ILE A 92 -16.88 9.19 -14.08
N ARG A 93 -17.59 8.77 -15.12
CA ARG A 93 -18.38 7.55 -15.05
C ARG A 93 -17.47 6.30 -15.12
N VAL A 94 -17.56 5.46 -14.10
CA VAL A 94 -16.83 4.20 -14.05
C VAL A 94 -17.87 3.14 -14.39
N PRO A 95 -17.60 2.22 -15.34
CA PRO A 95 -18.62 1.22 -15.69
C PRO A 95 -19.00 0.33 -14.49
N ASN A 96 -20.22 -0.21 -14.51
CA ASN A 96 -20.66 -1.13 -13.46
C ASN A 96 -20.25 -2.58 -13.85
N TYR A 97 -18.95 -2.91 -13.69
CA TYR A 97 -18.36 -4.21 -14.04
C TYR A 97 -19.16 -5.42 -13.51
N ASN A 98 -19.42 -6.39 -14.41
CA ASN A 98 -20.12 -7.64 -14.08
C ASN A 98 -19.23 -8.56 -13.23
N LEU A 99 -17.90 -8.54 -13.49
CA LEU A 99 -16.88 -9.30 -12.80
C LEU A 99 -15.73 -8.38 -12.31
N ASN A 100 -15.41 -8.44 -11.02
CA ASN A 100 -14.36 -7.63 -10.39
C ASN A 100 -13.23 -8.51 -9.76
N ILE A 101 -12.05 -8.54 -10.40
CA ILE A 101 -10.94 -9.34 -9.91
C ILE A 101 -9.88 -8.51 -9.18
N MET A 102 -9.63 -8.77 -7.88
CA MET A 102 -8.57 -8.05 -7.15
C MET A 102 -7.32 -8.95 -6.88
N ASP A 103 -6.17 -8.70 -7.56
CA ASP A 103 -4.96 -9.45 -7.23
C ASP A 103 -4.29 -8.78 -6.00
N GLU A 104 -3.59 -9.59 -5.17
CA GLU A 104 -2.94 -9.18 -3.91
C GLU A 104 -3.94 -8.42 -3.04
N ALA A 105 -5.12 -9.04 -2.83
CA ALA A 105 -6.23 -8.42 -2.09
C ALA A 105 -5.99 -8.27 -0.58
N HIS A 106 -4.75 -8.55 -0.10
CA HIS A 106 -4.41 -8.32 1.30
C HIS A 106 -3.86 -6.89 1.56
N PHE A 107 -3.66 -6.06 0.51
CA PHE A 107 -3.10 -4.71 0.61
C PHE A 107 -3.93 -3.81 1.60
N THR A 108 -3.28 -3.29 2.66
CA THR A 108 -4.00 -2.51 3.66
C THR A 108 -3.91 -0.97 3.50
N ASP A 109 -3.42 -0.47 2.35
CA ASP A 109 -3.42 0.98 2.10
C ASP A 109 -4.89 1.48 1.97
N PRO A 110 -5.21 2.70 2.42
CA PRO A 110 -6.62 3.15 2.40
C PRO A 110 -7.41 2.94 1.10
N SER A 111 -6.82 3.21 -0.07
CA SER A 111 -7.54 3.03 -1.34
C SER A 111 -7.87 1.56 -1.67
N SER A 112 -7.10 0.61 -1.13
CA SER A 112 -7.38 -0.81 -1.33
C SER A 112 -8.56 -1.27 -0.46
N ILE A 113 -8.58 -0.87 0.82
CA ILE A 113 -9.69 -1.15 1.75
C ILE A 113 -11.00 -0.57 1.16
N ALA A 114 -10.96 0.68 0.62
CA ALA A 114 -12.12 1.32 0.01
C ALA A 114 -12.65 0.51 -1.20
N ALA A 115 -11.74 0.09 -2.11
CA ALA A 115 -12.11 -0.70 -3.28
C ALA A 115 -12.80 -2.04 -2.84
N ARG A 116 -12.26 -2.76 -1.83
CA ARG A 116 -12.88 -4.00 -1.32
C ARG A 116 -14.30 -3.75 -0.78
N GLY A 117 -14.45 -2.65 -0.06
CA GLY A 117 -15.73 -2.24 0.51
C GLY A 117 -16.79 -1.98 -0.57
N TYR A 118 -16.42 -1.18 -1.58
CA TYR A 118 -17.30 -0.86 -2.69
C TYR A 118 -17.72 -2.12 -3.48
N ILE A 119 -16.73 -2.96 -3.87
CA ILE A 119 -16.98 -4.18 -4.62
C ILE A 119 -17.89 -5.20 -3.86
N SER A 120 -17.56 -5.49 -2.57
CA SER A 120 -18.36 -6.40 -1.75
C SER A 120 -19.79 -5.91 -1.52
N THR A 121 -20.03 -4.58 -1.49
CA THR A 121 -21.38 -4.06 -1.36
C THR A 121 -22.19 -4.36 -2.63
N ARG A 122 -21.60 -4.11 -3.82
CA ARG A 122 -22.25 -4.40 -5.08
C ARG A 122 -22.65 -5.89 -5.20
N VAL A 123 -21.77 -6.81 -4.72
CA VAL A 123 -22.04 -8.25 -4.71
C VAL A 123 -23.23 -8.57 -3.77
N GLU A 124 -23.21 -8.01 -2.54
CA GLU A 124 -24.27 -8.17 -1.55
C GLU A 124 -25.65 -7.70 -2.10
N MET A 125 -25.65 -6.62 -2.90
CA MET A 125 -26.85 -6.10 -3.55
C MET A 125 -27.40 -7.00 -4.68
N GLY A 126 -26.66 -8.04 -5.06
CA GLY A 126 -27.02 -8.93 -6.15
C GLY A 126 -26.71 -8.37 -7.53
N GLU A 127 -25.80 -7.40 -7.60
CA GLU A 127 -25.46 -6.75 -8.86
C GLU A 127 -24.26 -7.30 -9.62
N ALA A 128 -23.25 -7.83 -8.92
CA ALA A 128 -22.00 -8.23 -9.55
C ALA A 128 -21.35 -9.48 -8.90
N ALA A 129 -20.34 -10.07 -9.58
CA ALA A 129 -19.52 -11.15 -9.05
C ALA A 129 -18.13 -10.56 -8.70
N ALA A 130 -17.40 -11.23 -7.78
CA ALA A 130 -16.08 -10.78 -7.40
C ALA A 130 -15.16 -11.92 -6.98
N ILE A 131 -13.87 -11.77 -7.28
CA ILE A 131 -12.82 -12.69 -6.90
C ILE A 131 -11.66 -11.93 -6.18
N PHE A 132 -11.40 -12.29 -4.92
CA PHE A 132 -10.29 -11.67 -4.18
C PHE A 132 -9.15 -12.69 -4.13
N MET A 133 -8.04 -12.37 -4.81
CA MET A 133 -6.87 -13.25 -4.89
C MET A 133 -5.77 -12.91 -3.88
N THR A 134 -5.60 -13.77 -2.86
CA THR A 134 -4.54 -13.69 -1.82
C THR A 134 -4.42 -14.97 -0.98
N ALA A 135 -3.18 -15.29 -0.60
CA ALA A 135 -2.92 -16.40 0.31
C ALA A 135 -3.27 -16.02 1.76
N THR A 136 -3.34 -14.71 2.09
CA THR A 136 -3.59 -14.21 3.44
C THR A 136 -4.82 -13.30 3.53
N PRO A 137 -6.04 -13.87 3.50
CA PRO A 137 -7.25 -13.04 3.64
C PRO A 137 -7.35 -12.33 5.00
N PRO A 138 -8.21 -11.29 5.15
CA PRO A 138 -8.29 -10.59 6.45
C PRO A 138 -8.69 -11.51 7.59
N GLY A 139 -7.92 -11.47 8.67
CA GLY A 139 -8.19 -12.29 9.84
C GLY A 139 -7.39 -13.58 9.95
N THR A 140 -6.45 -13.80 9.02
CA THR A 140 -5.63 -15.02 9.06
C THR A 140 -4.76 -15.05 10.34
N ARG A 141 -4.61 -16.26 10.92
CA ARG A 141 -3.80 -16.46 12.13
C ARG A 141 -2.57 -17.36 11.88
N ASP A 142 -2.28 -17.70 10.63
CA ASP A 142 -1.17 -18.57 10.29
C ASP A 142 -0.04 -17.81 9.62
N ALA A 143 1.04 -17.57 10.36
CA ALA A 143 2.22 -16.89 9.83
C ALA A 143 3.13 -17.83 9.00
N PHE A 144 2.94 -19.17 9.09
CA PHE A 144 3.78 -20.13 8.34
C PHE A 144 3.01 -21.02 7.33
N PRO A 145 2.49 -20.47 6.22
CA PRO A 145 1.77 -21.30 5.25
C PRO A 145 2.66 -22.22 4.38
N ASP A 146 2.04 -23.03 3.52
CA ASP A 146 2.78 -23.91 2.61
C ASP A 146 3.60 -23.09 1.58
N SER A 147 4.62 -23.72 1.01
CA SER A 147 5.47 -23.11 -0.01
C SER A 147 5.85 -24.17 -1.05
N ASN A 148 6.42 -23.75 -2.21
CA ASN A 148 6.83 -24.68 -3.27
C ASN A 148 7.97 -25.63 -2.85
N SER A 149 8.85 -25.21 -1.94
CA SER A 149 9.92 -26.04 -1.40
C SER A 149 10.17 -25.71 0.10
N PRO A 150 10.65 -26.69 0.90
CA PRO A 150 10.84 -26.44 2.34
C PRO A 150 11.67 -25.21 2.71
N ILE A 151 11.27 -24.53 3.80
CA ILE A 151 11.95 -23.33 4.31
C ILE A 151 12.53 -23.58 5.70
N MET A 152 13.75 -23.09 5.97
CA MET A 152 14.37 -23.21 7.30
C MET A 152 13.91 -21.98 8.13
N ASP A 153 12.98 -22.17 9.08
CA ASP A 153 12.48 -21.07 9.92
C ASP A 153 13.29 -20.97 11.24
N THR A 154 13.88 -19.80 11.53
CA THR A 154 14.67 -19.64 12.75
C THR A 154 14.35 -18.36 13.52
N GLU A 155 13.93 -18.47 14.79
CA GLU A 155 13.68 -17.31 15.65
C GLU A 155 15.04 -16.81 16.15
N VAL A 156 15.41 -15.56 15.85
CA VAL A 156 16.71 -14.99 16.23
C VAL A 156 16.62 -13.47 16.52
N GLU A 157 17.61 -12.89 17.25
CA GLU A 157 17.65 -11.44 17.47
C GLU A 157 18.15 -10.76 16.17
N VAL A 158 17.35 -9.84 15.63
CA VAL A 158 17.67 -9.13 14.40
C VAL A 158 18.05 -7.69 14.74
N PRO A 159 19.24 -7.23 14.30
CA PRO A 159 19.61 -5.84 14.57
C PRO A 159 18.67 -4.82 13.92
N GLU A 160 18.34 -3.77 14.66
CA GLU A 160 17.51 -2.63 14.21
C GLU A 160 18.28 -1.29 14.21
N ARG A 161 19.59 -1.33 14.53
CA ARG A 161 20.53 -0.20 14.54
C ARG A 161 21.87 -0.73 13.99
N ALA A 162 22.84 0.16 13.66
CA ALA A 162 24.17 -0.28 13.21
C ALA A 162 24.86 -1.11 14.32
N TRP A 163 25.72 -2.09 13.97
CA TRP A 163 26.34 -2.96 14.97
C TRP A 163 27.83 -3.20 14.72
N SER A 164 28.58 -3.60 15.77
CA SER A 164 30.00 -3.91 15.69
C SER A 164 30.23 -5.42 15.88
N SER A 165 29.42 -6.07 16.74
CA SER A 165 29.58 -7.48 17.06
C SER A 165 28.26 -8.16 17.49
N GLY A 166 28.24 -9.50 17.48
CA GLY A 166 27.10 -10.28 17.93
C GLY A 166 26.14 -10.78 16.86
N PHE A 167 26.34 -10.37 15.60
CA PHE A 167 25.46 -10.77 14.50
C PHE A 167 26.26 -11.27 13.27
N ASP A 168 27.30 -12.13 13.51
CA ASP A 168 28.17 -12.66 12.44
C ASP A 168 27.39 -13.34 11.31
N TRP A 169 26.30 -14.06 11.65
CA TRP A 169 25.44 -14.77 10.67
C TRP A 169 24.92 -13.87 9.54
N VAL A 170 24.69 -12.58 9.81
CA VAL A 170 24.17 -11.63 8.82
C VAL A 170 25.14 -11.44 7.64
N THR A 171 26.39 -11.03 7.92
CA THR A 171 27.40 -10.79 6.88
C THR A 171 28.20 -12.03 6.44
N ASP A 172 28.15 -13.16 7.18
CA ASP A 172 28.86 -14.38 6.76
C ASP A 172 28.17 -15.13 5.58
N HIS A 173 26.93 -14.78 5.27
CA HIS A 173 26.15 -15.42 4.21
C HIS A 173 26.69 -15.08 2.81
N SER A 174 26.70 -16.06 1.89
CA SER A 174 27.21 -15.82 0.53
C SER A 174 26.13 -15.70 -0.56
N GLY A 175 24.85 -15.74 -0.19
CA GLY A 175 23.78 -15.64 -1.16
C GLY A 175 23.23 -14.23 -1.31
N LYS A 176 21.92 -14.11 -1.50
CA LYS A 176 21.22 -12.82 -1.62
C LYS A 176 20.11 -12.75 -0.58
N THR A 177 19.99 -11.60 0.12
CA THR A 177 19.03 -11.42 1.21
C THR A 177 18.03 -10.28 0.99
N VAL A 178 16.75 -10.51 1.33
CA VAL A 178 15.72 -9.48 1.33
C VAL A 178 15.41 -9.22 2.79
N TRP A 179 15.67 -7.99 3.27
CA TRP A 179 15.52 -7.59 4.67
C TRP A 179 14.38 -6.58 4.84
N PHE A 180 13.33 -6.93 5.60
CA PHE A 180 12.19 -6.05 5.89
C PHE A 180 12.42 -5.21 7.17
N VAL A 181 12.36 -3.89 7.06
CA VAL A 181 12.54 -2.95 8.18
C VAL A 181 11.24 -2.18 8.48
N PRO A 182 11.08 -1.61 9.70
CA PRO A 182 9.82 -0.88 10.01
C PRO A 182 9.66 0.50 9.35
N SER A 183 10.75 1.13 8.85
CA SER A 183 10.66 2.46 8.24
C SER A 183 11.85 2.83 7.31
N VAL A 184 11.67 3.87 6.47
CA VAL A 184 12.70 4.40 5.57
C VAL A 184 13.95 4.81 6.38
N ARG A 185 13.79 5.60 7.44
CA ARG A 185 14.91 6.05 8.27
C ARG A 185 15.67 4.90 8.93
N ASN A 186 14.95 3.85 9.41
CA ASN A 186 15.58 2.66 10.00
C ASN A 186 16.39 1.90 8.95
N GLY A 187 15.86 1.80 7.74
CA GLY A 187 16.55 1.16 6.63
C GLY A 187 17.84 1.88 6.23
N ASN A 188 17.82 3.24 6.24
CA ASN A 188 19.01 4.06 5.92
C ASN A 188 20.22 3.66 6.83
N GLU A 189 19.99 3.55 8.16
CA GLU A 189 21.04 3.17 9.12
C GLU A 189 21.63 1.77 8.85
N ILE A 190 20.77 0.75 8.64
CA ILE A 190 21.21 -0.61 8.35
C ILE A 190 21.95 -0.67 7.00
N ALA A 191 21.49 0.07 5.98
CA ALA A 191 22.15 0.08 4.68
C ALA A 191 23.56 0.64 4.79
N ALA A 192 23.73 1.74 5.55
CA ALA A 192 25.01 2.38 5.79
C ALA A 192 26.01 1.42 6.49
N CYS A 193 25.52 0.67 7.49
CA CYS A 193 26.35 -0.31 8.22
C CYS A 193 26.84 -1.41 7.27
N LEU A 194 25.92 -1.95 6.43
CA LEU A 194 26.25 -3.00 5.45
C LEU A 194 27.20 -2.48 4.35
N THR A 195 26.98 -1.27 3.86
CA THR A 195 27.84 -0.68 2.81
C THR A 195 29.28 -0.49 3.34
N LYS A 196 29.42 -0.08 4.61
CA LYS A 196 30.73 0.09 5.27
C LYS A 196 31.48 -1.25 5.35
N ALA A 197 30.74 -2.38 5.48
CA ALA A 197 31.31 -3.73 5.54
C ALA A 197 31.60 -4.36 4.15
N GLY A 198 31.46 -3.59 3.08
CA GLY A 198 31.72 -4.09 1.73
C GLY A 198 30.55 -4.70 0.99
N LYS A 199 29.31 -4.50 1.48
CA LYS A 199 28.12 -5.07 0.79
C LYS A 199 27.46 -4.11 -0.22
N ARG A 200 26.85 -4.66 -1.27
CA ARG A 200 26.13 -3.91 -2.29
C ARG A 200 24.64 -3.92 -1.97
N VAL A 201 24.12 -2.75 -1.61
CA VAL A 201 22.76 -2.60 -1.10
C VAL A 201 21.83 -1.74 -1.97
N ILE A 202 20.59 -2.21 -2.19
CA ILE A 202 19.49 -1.50 -2.86
C ILE A 202 18.41 -1.19 -1.79
N GLN A 203 17.84 0.03 -1.79
CA GLN A 203 16.79 0.40 -0.84
C GLN A 203 15.43 0.62 -1.52
N LEU A 204 14.35 0.05 -0.96
CA LEU A 204 13.01 0.19 -1.52
C LEU A 204 12.00 0.75 -0.52
N SER A 205 11.12 1.62 -1.02
CA SER A 205 10.03 2.24 -0.26
C SER A 205 8.92 2.68 -1.25
N ARG A 206 7.73 3.08 -0.72
CA ARG A 206 6.60 3.48 -1.56
C ARG A 206 6.92 4.53 -2.62
N LYS A 207 7.61 5.63 -2.26
CA LYS A 207 7.91 6.69 -3.22
C LYS A 207 9.00 6.36 -4.24
N THR A 208 9.88 5.39 -3.98
CA THR A 208 10.96 5.06 -4.93
C THR A 208 10.82 3.69 -5.63
N PHE A 209 9.80 2.91 -5.26
CA PHE A 209 9.57 1.54 -5.70
C PHE A 209 9.85 1.21 -7.19
N GLU A 210 9.12 1.79 -8.18
CA GLU A 210 9.35 1.43 -9.59
C GLU A 210 10.79 1.57 -10.08
N THR A 211 11.41 2.74 -9.81
CA THR A 211 12.78 3.07 -10.20
C THR A 211 13.83 2.14 -9.58
N GLU A 212 13.80 1.98 -8.25
CA GLU A 212 14.78 1.15 -7.55
C GLU A 212 14.55 -0.35 -7.73
N PHE A 213 13.29 -0.79 -8.01
CA PHE A 213 13.03 -2.22 -8.21
C PHE A 213 13.73 -2.73 -9.48
N GLN A 214 13.82 -1.90 -10.53
CA GLN A 214 14.49 -2.26 -11.77
C GLN A 214 15.96 -2.62 -11.52
N LYS A 215 16.61 -1.99 -10.51
CA LYS A 215 18.00 -2.25 -10.13
C LYS A 215 18.24 -3.69 -9.65
N THR A 216 17.21 -4.35 -9.09
CA THR A 216 17.32 -5.75 -8.65
C THR A 216 17.54 -6.71 -9.83
N LYS A 217 17.20 -6.29 -11.07
CA LYS A 217 17.38 -7.07 -12.31
C LYS A 217 18.56 -6.57 -13.15
N ASN A 218 18.89 -5.27 -13.05
CA ASN A 218 19.93 -4.63 -13.86
C ASN A 218 21.35 -4.62 -13.27
N GLN A 219 21.49 -4.83 -11.96
CA GLN A 219 22.81 -4.77 -11.33
C GLN A 219 23.04 -5.88 -10.28
N GLU A 220 24.29 -6.10 -9.93
CA GLU A 220 24.64 -7.12 -8.94
C GLU A 220 24.39 -6.57 -7.55
N TRP A 221 23.71 -7.33 -6.70
CA TRP A 221 23.39 -6.89 -5.34
C TRP A 221 23.54 -8.02 -4.33
N ASP A 222 23.82 -7.66 -3.09
CA ASP A 222 23.98 -8.60 -1.99
C ASP A 222 22.75 -8.54 -1.08
N PHE A 223 22.21 -7.31 -0.84
CA PHE A 223 21.05 -7.12 0.04
C PHE A 223 20.02 -6.13 -0.53
N VAL A 224 18.75 -6.42 -0.27
CA VAL A 224 17.65 -5.51 -0.58
C VAL A 224 17.02 -5.09 0.78
N ILE A 225 17.06 -3.79 1.12
CA ILE A 225 16.47 -3.27 2.35
C ILE A 225 15.11 -2.66 1.98
N THR A 226 14.01 -3.19 2.54
CA THR A 226 12.69 -2.73 2.15
C THR A 226 11.67 -2.53 3.27
N THR A 227 10.73 -1.62 3.02
CA THR A 227 9.60 -1.41 3.90
C THR A 227 8.53 -2.52 3.54
N ASP A 228 7.33 -2.46 4.16
CA ASP A 228 6.25 -3.43 3.93
C ASP A 228 5.67 -3.39 2.49
N ILE A 229 6.07 -2.43 1.61
CA ILE A 229 5.56 -2.37 0.22
C ILE A 229 5.90 -3.65 -0.58
N SER A 230 7.05 -4.28 -0.29
CA SER A 230 7.44 -5.51 -0.99
C SER A 230 6.62 -6.75 -0.59
N GLU A 231 5.59 -6.59 0.28
CA GLU A 231 4.66 -7.67 0.65
C GLU A 231 3.59 -7.88 -0.47
N MET A 232 3.47 -6.90 -1.41
CA MET A 232 2.45 -6.90 -2.46
C MET A 232 2.95 -7.42 -3.82
N GLY A 233 3.32 -8.69 -3.87
CA GLY A 233 3.73 -9.35 -5.11
C GLY A 233 5.10 -9.10 -5.71
N ALA A 234 6.01 -8.45 -4.97
CA ALA A 234 7.36 -8.19 -5.48
C ALA A 234 8.19 -9.49 -5.44
N ASN A 235 8.75 -9.90 -6.58
CA ASN A 235 9.53 -11.14 -6.64
C ASN A 235 11.02 -10.87 -6.83
N PHE A 236 11.85 -11.67 -6.13
CA PHE A 236 13.31 -11.54 -6.16
C PHE A 236 13.97 -12.91 -6.29
N LYS A 237 15.20 -12.96 -6.83
CA LYS A 237 15.95 -14.20 -6.94
C LYS A 237 16.85 -14.33 -5.71
N ALA A 238 16.23 -14.47 -4.55
CA ALA A 238 16.96 -14.54 -3.28
C ALA A 238 16.88 -15.92 -2.59
N ASP A 239 17.79 -16.20 -1.65
CA ASP A 239 17.76 -17.45 -0.88
C ASP A 239 17.55 -17.23 0.63
N ARG A 240 17.36 -15.95 1.07
CA ARG A 240 17.15 -15.66 2.48
C ARG A 240 16.30 -14.41 2.70
N VAL A 241 15.42 -14.45 3.71
CA VAL A 241 14.65 -13.30 4.17
C VAL A 241 15.00 -13.00 5.63
N ILE A 242 15.40 -11.76 5.92
CA ILE A 242 15.63 -11.33 7.30
C ILE A 242 14.40 -10.45 7.64
N ASP A 243 13.64 -10.81 8.67
CA ASP A 243 12.40 -10.10 9.02
C ASP A 243 12.42 -9.59 10.45
N SER A 244 12.44 -8.27 10.60
CA SER A 244 12.43 -7.65 11.93
C SER A 244 11.11 -7.96 12.67
N ARG A 245 10.01 -8.26 11.92
CA ARG A 245 8.65 -8.51 12.42
C ARG A 245 8.04 -7.22 13.02
N ARG A 246 8.52 -6.04 12.57
CA ARG A 246 8.06 -4.75 13.10
C ARG A 246 7.54 -3.82 12.01
N CYS A 247 6.64 -2.92 12.38
CA CYS A 247 6.04 -1.96 11.46
C CYS A 247 5.66 -0.69 12.23
N LEU A 248 5.42 0.41 11.51
CA LEU A 248 4.91 1.63 12.12
C LEU A 248 3.38 1.63 12.01
N LYS A 249 2.71 2.30 12.96
CA LYS A 249 1.25 2.34 12.97
C LYS A 249 0.70 3.78 13.10
N PRO A 250 0.01 4.32 12.08
CA PRO A 250 -0.60 5.64 12.23
C PRO A 250 -1.82 5.60 13.18
N VAL A 251 -1.83 6.47 14.20
CA VAL A 251 -2.89 6.55 15.21
C VAL A 251 -3.48 8.00 15.34
N ILE A 252 -4.81 8.12 15.29
CA ILE A 252 -5.49 9.41 15.47
C ILE A 252 -5.72 9.66 16.98
N LEU A 253 -5.15 10.75 17.53
CA LEU A 253 -5.27 11.10 18.95
C LEU A 253 -6.34 12.16 19.18
N ASP A 254 -7.38 11.85 19.98
CA ASP A 254 -8.49 12.75 20.31
C ASP A 254 -9.15 13.38 19.07
N GLY A 255 -9.04 12.72 17.91
CA GLY A 255 -9.56 13.26 16.65
C GLY A 255 -8.93 14.59 16.25
N GLU A 256 -7.74 14.89 16.80
CA GLU A 256 -7.04 16.17 16.66
C GLU A 256 -5.68 16.08 15.92
N ARG A 257 -4.98 14.95 16.01
CA ARG A 257 -3.66 14.81 15.38
C ARG A 257 -3.36 13.35 15.00
N VAL A 258 -2.40 13.14 14.10
CA VAL A 258 -2.00 11.79 13.71
C VAL A 258 -0.52 11.58 14.05
N ILE A 259 -0.22 10.55 14.86
CA ILE A 259 1.15 10.21 15.19
C ILE A 259 1.53 8.84 14.59
N LEU A 260 2.83 8.59 14.43
CA LEU A 260 3.31 7.31 13.95
C LEU A 260 3.82 6.52 15.18
N ALA A 261 2.98 5.61 15.69
CA ALA A 261 3.31 4.82 16.87
C ALA A 261 4.15 3.61 16.51
N GLY A 262 4.97 3.17 17.45
CA GLY A 262 5.81 2.01 17.24
C GLY A 262 7.28 2.33 17.11
N PRO A 263 8.10 1.44 16.49
CA PRO A 263 7.73 0.15 15.87
C PRO A 263 7.03 -0.86 16.79
N MET A 264 6.06 -1.57 16.22
CA MET A 264 5.29 -2.60 16.90
C MET A 264 5.13 -3.88 16.03
N PRO A 265 4.71 -5.03 16.63
CA PRO A 265 4.59 -6.26 15.85
C PRO A 265 3.74 -6.17 14.58
N VAL A 266 4.13 -6.93 13.54
CA VAL A 266 3.31 -7.02 12.33
C VAL A 266 2.15 -8.04 12.53
N THR A 267 1.14 -8.02 11.64
CA THR A 267 0.06 -9.03 11.69
C THR A 267 0.62 -10.39 11.15
N HIS A 268 -0.15 -11.48 11.37
CA HIS A 268 0.18 -12.81 10.85
C HIS A 268 0.19 -12.77 9.30
N ALA A 269 -0.72 -11.98 8.67
CA ALA A 269 -0.79 -11.83 7.23
C ALA A 269 0.49 -11.22 6.65
N SER A 270 1.03 -10.16 7.30
CA SER A 270 2.27 -9.51 6.84
C SER A 270 3.47 -10.41 7.03
N ALA A 271 3.58 -11.10 8.17
CA ALA A 271 4.71 -12.01 8.43
C ALA A 271 4.72 -13.13 7.41
N ALA A 272 3.53 -13.71 7.09
CA ALA A 272 3.43 -14.78 6.08
C ALA A 272 3.82 -14.25 4.69
N GLN A 273 3.39 -13.03 4.34
CA GLN A 273 3.73 -12.43 3.05
C GLN A 273 5.23 -12.10 2.92
N ARG A 274 5.89 -11.68 4.02
CA ARG A 274 7.31 -11.37 4.06
C ARG A 274 8.09 -12.70 3.91
N ARG A 275 7.67 -13.73 4.66
CA ARG A 275 8.27 -15.06 4.57
C ARG A 275 8.12 -15.63 3.15
N GLY A 276 6.95 -15.38 2.52
CA GLY A 276 6.59 -15.86 1.19
C GLY A 276 7.44 -15.39 0.02
N ARG A 277 8.40 -14.44 0.26
CA ARG A 277 9.32 -14.00 -0.80
C ARG A 277 10.26 -15.17 -1.22
N ILE A 278 10.54 -16.12 -0.30
CA ILE A 278 11.44 -17.23 -0.58
C ILE A 278 10.70 -18.60 -0.47
N GLY A 279 11.37 -19.68 -0.89
CA GLY A 279 10.78 -21.01 -0.94
C GLY A 279 9.87 -21.18 -2.15
N ARG A 280 9.97 -20.26 -3.14
CA ARG A 280 9.16 -20.22 -4.36
C ARG A 280 9.62 -21.14 -5.50
N ASN A 281 10.88 -21.59 -5.49
CA ASN A 281 11.41 -22.49 -6.53
C ASN A 281 11.32 -23.92 -6.01
N PRO A 282 10.54 -24.81 -6.66
CA PRO A 282 10.46 -26.20 -6.16
C PRO A 282 11.75 -27.00 -6.30
N ASN A 283 12.68 -26.56 -7.16
CA ASN A 283 13.95 -27.23 -7.36
C ASN A 283 15.06 -26.75 -6.40
N LYS A 284 14.82 -25.65 -5.65
CA LYS A 284 15.82 -25.12 -4.71
C LYS A 284 15.31 -25.11 -3.26
N PRO A 285 15.39 -26.26 -2.57
CA PRO A 285 14.95 -26.28 -1.16
C PRO A 285 16.02 -25.73 -0.21
N GLY A 286 15.62 -25.31 0.98
CA GLY A 286 16.56 -24.80 1.97
C GLY A 286 16.74 -23.29 2.03
N ASP A 287 15.78 -22.50 1.51
CA ASP A 287 15.85 -21.05 1.66
C ASP A 287 15.64 -20.71 3.15
N GLU A 288 16.31 -19.67 3.64
CA GLU A 288 16.23 -19.31 5.06
C GLU A 288 15.29 -18.15 5.39
N TYR A 289 14.61 -18.22 6.55
CA TYR A 289 13.74 -17.15 7.06
C TYR A 289 14.08 -16.87 8.53
N MET A 290 14.76 -15.75 8.77
CA MET A 290 15.19 -15.36 10.12
C MET A 290 14.24 -14.30 10.66
N TYR A 291 13.50 -14.58 11.75
CA TYR A 291 12.53 -13.62 12.28
C TYR A 291 12.87 -13.17 13.72
N GLY A 292 12.78 -11.85 13.95
CA GLY A 292 13.16 -11.20 15.20
C GLY A 292 12.11 -10.72 16.19
N GLY A 293 10.90 -11.29 16.14
CA GLY A 293 9.82 -10.94 17.06
C GLY A 293 8.53 -11.70 16.77
N GLY A 294 7.54 -11.53 17.61
CA GLY A 294 6.24 -12.17 17.43
C GLY A 294 5.20 -11.36 16.68
N CYS A 295 4.03 -11.97 16.41
CA CYS A 295 2.91 -11.33 15.70
C CYS A 295 1.84 -10.85 16.67
N ALA A 296 1.05 -9.86 16.24
CA ALA A 296 -0.07 -9.29 17.00
C ALA A 296 -1.11 -8.63 16.04
N GLU A 297 -2.33 -8.37 16.54
CA GLU A 297 -3.35 -7.76 15.67
CA GLU A 297 -3.40 -7.76 15.74
C GLU A 297 -3.29 -6.22 15.76
N THR A 298 -2.24 -5.65 15.13
CA THR A 298 -2.00 -4.21 15.12
C THR A 298 -2.78 -3.44 14.05
N ASP A 299 -3.69 -4.10 13.31
CA ASP A 299 -4.56 -3.37 12.38
C ASP A 299 -5.83 -2.82 13.08
N GLU A 300 -6.09 -3.21 14.34
CA GLU A 300 -7.25 -2.72 15.08
C GLU A 300 -6.91 -1.33 15.61
N GLY A 301 -7.69 -0.34 15.19
CA GLY A 301 -7.45 1.03 15.60
C GLY A 301 -6.42 1.78 14.76
N HIS A 302 -5.95 1.15 13.68
CA HIS A 302 -4.98 1.67 12.70
C HIS A 302 -5.77 2.72 11.85
N ALA A 303 -5.19 3.91 11.62
CA ALA A 303 -5.87 5.00 10.90
C ALA A 303 -6.31 4.69 9.45
N HIS A 304 -5.68 3.71 8.76
CA HIS A 304 -6.05 3.39 7.38
C HIS A 304 -7.53 2.99 7.22
N TRP A 305 -8.11 2.31 8.22
CA TRP A 305 -9.51 1.85 8.18
C TRP A 305 -10.51 3.03 8.36
N LEU A 306 -10.17 4.02 9.19
CA LEU A 306 -10.93 5.25 9.39
C LEU A 306 -10.88 6.05 8.06
N GLU A 307 -9.68 6.16 7.45
CA GLU A 307 -9.48 6.87 6.19
C GLU A 307 -10.26 6.21 5.04
N ALA A 308 -10.38 4.87 5.05
CA ALA A 308 -11.17 4.12 4.05
C ALA A 308 -12.67 4.47 4.15
N ARG A 309 -13.19 4.66 5.40
CA ARG A 309 -14.57 5.10 5.63
C ARG A 309 -14.77 6.53 5.11
N MET A 310 -13.75 7.42 5.24
CA MET A 310 -13.82 8.78 4.69
C MET A 310 -13.97 8.71 3.16
N LEU A 311 -13.24 7.80 2.47
CA LEU A 311 -13.35 7.67 1.01
C LEU A 311 -14.72 7.10 0.57
N LEU A 312 -15.19 6.01 1.24
CA LEU A 312 -16.46 5.35 0.95
C LEU A 312 -17.68 6.25 1.18
N ASP A 313 -17.61 7.14 2.19
CA ASP A 313 -18.68 8.11 2.47
C ASP A 313 -18.84 9.16 1.36
N ASN A 314 -17.79 9.38 0.54
CA ASN A 314 -17.85 10.38 -0.51
C ASN A 314 -17.92 9.76 -1.92
N ILE A 315 -18.29 8.47 -2.04
CA ILE A 315 -18.47 7.78 -3.31
C ILE A 315 -19.97 7.51 -3.54
N TYR A 316 -20.49 7.92 -4.70
CA TYR A 316 -21.90 7.67 -5.03
C TYR A 316 -22.14 6.16 -5.30
N LEU A 317 -23.19 5.59 -4.71
CA LEU A 317 -23.52 4.17 -4.91
C LEU A 317 -24.93 4.05 -5.51
N GLN A 318 -25.94 4.62 -4.83
CA GLN A 318 -27.35 4.63 -5.23
C GLN A 318 -28.09 5.56 -4.27
N ASP A 319 -28.68 6.67 -4.77
CA ASP A 319 -29.39 7.69 -3.98
C ASP A 319 -28.57 8.10 -2.69
N GLY A 320 -29.09 7.85 -1.49
CA GLY A 320 -28.37 8.18 -0.25
C GLY A 320 -27.62 7.01 0.37
N LEU A 321 -27.56 5.84 -0.32
CA LEU A 321 -26.87 4.65 0.17
C LEU A 321 -25.36 4.78 0.13
N ILE A 322 -24.71 4.25 1.17
CA ILE A 322 -23.26 4.31 1.27
C ILE A 322 -22.70 2.91 1.46
N ALA A 323 -21.65 2.56 0.68
CA ALA A 323 -21.00 1.25 0.74
C ALA A 323 -20.37 0.98 2.10
N SER A 324 -20.49 -0.26 2.55
CA SER A 324 -19.91 -0.72 3.81
C SER A 324 -18.50 -1.29 3.58
N LEU A 325 -17.70 -1.46 4.66
CA LEU A 325 -16.41 -2.13 4.53
C LEU A 325 -16.67 -3.64 4.36
N TYR A 326 -15.68 -4.35 3.75
CA TYR A 326 -15.69 -5.80 3.58
C TYR A 326 -15.85 -6.45 4.98
N ARG A 327 -16.91 -7.27 5.16
CA ARG A 327 -17.31 -7.85 6.46
C ARG A 327 -16.12 -8.34 7.35
N PRO A 328 -15.17 -9.20 6.90
CA PRO A 328 -14.08 -9.62 7.81
C PRO A 328 -13.11 -8.53 8.29
N GLU A 329 -13.18 -7.30 7.73
CA GLU A 329 -12.30 -6.22 8.19
C GLU A 329 -13.06 -4.97 8.71
N ALA A 330 -14.37 -5.08 8.89
CA ALA A 330 -15.22 -3.98 9.34
C ALA A 330 -15.07 -3.56 10.82
N ASP A 331 -14.73 -4.50 11.72
CA ASP A 331 -14.59 -4.15 13.15
C ASP A 331 -13.24 -3.51 13.53
N LYS A 332 -12.40 -3.18 12.54
CA LYS A 332 -11.11 -2.55 12.79
C LYS A 332 -11.22 -1.05 13.12
N VAL A 333 -12.40 -0.45 12.91
CA VAL A 333 -12.62 0.98 13.18
C VAL A 333 -13.98 1.21 13.87
N ALA A 334 -14.06 2.20 14.77
CA ALA A 334 -15.32 2.54 15.41
C ALA A 334 -15.91 3.73 14.65
N ALA A 335 -16.75 3.46 13.64
CA ALA A 335 -17.28 4.54 12.81
C ALA A 335 -18.69 4.29 12.27
N ILE A 336 -19.50 5.34 12.28
CA ILE A 336 -20.87 5.33 11.79
C ILE A 336 -20.82 5.62 10.28
N GLU A 337 -21.43 4.75 9.45
CA GLU A 337 -21.48 4.98 8.01
C GLU A 337 -22.22 6.29 7.68
N GLY A 338 -21.60 7.15 6.89
CA GLY A 338 -22.14 8.43 6.49
C GLY A 338 -21.70 9.64 7.30
N GLU A 339 -20.95 9.44 8.40
CA GLU A 339 -20.52 10.56 9.24
C GLU A 339 -19.48 11.48 8.56
N PHE A 340 -18.78 11.01 7.51
CA PHE A 340 -17.80 11.86 6.81
C PHE A 340 -18.31 12.40 5.45
N LYS A 341 -19.61 12.28 5.17
CA LYS A 341 -20.16 12.76 3.90
C LYS A 341 -20.11 14.30 3.76
N LEU A 342 -19.41 14.79 2.74
CA LEU A 342 -19.31 16.23 2.52
C LEU A 342 -20.26 16.71 1.42
N ARG A 343 -20.56 18.02 1.43
CA ARG A 343 -21.36 18.64 0.37
C ARG A 343 -20.48 18.79 -0.90
N THR A 344 -21.13 18.97 -2.08
CA THR A 344 -20.50 19.05 -3.40
C THR A 344 -19.17 19.83 -3.45
N GLU A 345 -19.16 21.10 -3.00
CA GLU A 345 -17.97 21.93 -3.04
C GLU A 345 -16.85 21.47 -2.12
N GLN A 346 -17.18 21.03 -0.89
CA GLN A 346 -16.15 20.52 0.02
C GLN A 346 -15.58 19.19 -0.47
N ARG A 347 -16.41 18.36 -1.15
CA ARG A 347 -15.97 17.07 -1.69
C ARG A 347 -14.94 17.30 -2.78
N LYS A 348 -15.18 18.29 -3.66
CA LYS A 348 -14.25 18.66 -4.73
C LYS A 348 -12.88 19.10 -4.18
N THR A 349 -12.85 19.88 -3.08
CA THR A 349 -11.62 20.30 -2.42
C THR A 349 -10.89 19.07 -1.84
N PHE A 350 -11.63 18.17 -1.16
CA PHE A 350 -11.12 16.93 -0.55
C PHE A 350 -10.39 16.06 -1.59
N VAL A 351 -11.03 15.82 -2.75
CA VAL A 351 -10.44 15.06 -3.83
C VAL A 351 -9.15 15.71 -4.37
N GLU A 352 -9.19 17.05 -4.62
CA GLU A 352 -8.02 17.77 -5.14
C GLU A 352 -6.84 17.81 -4.15
N LEU A 353 -7.10 17.91 -2.83
CA LEU A 353 -6.03 17.89 -1.83
C LEU A 353 -5.30 16.53 -1.80
N MET A 354 -5.98 15.44 -2.17
CA MET A 354 -5.35 14.11 -2.19
C MET A 354 -4.66 13.87 -3.53
N LYS A 355 -5.36 14.13 -4.62
CA LYS A 355 -4.89 13.89 -6.00
C LYS A 355 -3.73 14.80 -6.42
N ARG A 356 -3.89 16.11 -6.27
CA ARG A 356 -2.87 17.08 -6.65
C ARG A 356 -1.99 17.47 -5.46
N GLY A 357 -2.57 17.64 -4.28
CA GLY A 357 -1.81 18.06 -3.11
C GLY A 357 -0.95 16.99 -2.47
N ASP A 358 -1.25 15.70 -2.77
CA ASP A 358 -0.53 14.54 -2.24
C ASP A 358 -0.56 14.43 -0.70
N LEU A 359 -1.61 14.97 -0.10
CA LEU A 359 -1.76 14.93 1.35
C LEU A 359 -2.42 13.63 1.81
N PRO A 360 -2.09 13.14 3.03
CA PRO A 360 -2.81 11.97 3.56
C PRO A 360 -4.32 12.25 3.67
N VAL A 361 -5.15 11.19 3.50
CA VAL A 361 -6.62 11.23 3.54
C VAL A 361 -7.16 12.02 4.76
N TRP A 362 -6.74 11.65 5.98
CA TRP A 362 -7.17 12.33 7.21
C TRP A 362 -6.87 13.85 7.16
N LEU A 363 -5.64 14.23 6.77
CA LEU A 363 -5.25 15.64 6.67
C LEU A 363 -6.10 16.38 5.61
N ALA A 364 -6.30 15.75 4.45
CA ALA A 364 -7.15 16.31 3.38
C ALA A 364 -8.61 16.55 3.89
N TYR A 365 -9.15 15.63 4.71
CA TYR A 365 -10.49 15.75 5.27
C TYR A 365 -10.63 16.95 6.25
N GLN A 366 -9.68 17.13 7.19
CA GLN A 366 -9.73 18.27 8.12
C GLN A 366 -9.78 19.62 7.37
N VAL A 367 -8.95 19.80 6.35
CA VAL A 367 -8.92 21.07 5.59
C VAL A 367 -10.24 21.31 4.84
N ALA A 368 -10.69 20.31 4.06
CA ALA A 368 -11.94 20.40 3.29
C ALA A 368 -13.20 20.60 4.15
N SER A 369 -13.39 19.80 5.22
CA SER A 369 -14.57 19.93 6.09
C SER A 369 -14.60 21.28 6.83
N ALA A 370 -13.45 21.94 7.03
CA ALA A 370 -13.41 23.26 7.66
C ALA A 370 -13.83 24.42 6.71
N GLY A 371 -14.13 24.13 5.45
CA GLY A 371 -14.56 25.12 4.48
C GLY A 371 -13.46 25.90 3.80
N ILE A 372 -12.23 25.38 3.80
CA ILE A 372 -11.07 26.01 3.16
C ILE A 372 -10.89 25.56 1.70
N THR A 373 -10.57 26.50 0.78
CA THR A 373 -10.32 26.17 -0.63
C THR A 373 -8.91 25.57 -0.83
N TYR A 374 -8.75 24.76 -1.89
CA TYR A 374 -7.50 24.04 -2.21
C TYR A 374 -6.22 24.94 -2.19
N THR A 375 -6.26 26.11 -2.86
CA THR A 375 -5.08 27.00 -2.95
C THR A 375 -4.82 27.87 -1.69
N ASP A 376 -5.75 27.90 -0.72
CA ASP A 376 -5.58 28.71 0.48
C ASP A 376 -4.70 27.95 1.48
N ARG A 377 -3.43 28.39 1.67
CA ARG A 377 -2.44 27.72 2.52
C ARG A 377 -2.15 28.40 3.87
N ARG A 378 -3.04 29.31 4.31
CA ARG A 378 -2.86 29.98 5.60
C ARG A 378 -2.87 29.01 6.81
N TRP A 379 -3.61 27.89 6.72
CA TRP A 379 -3.64 26.86 7.77
C TRP A 379 -2.25 26.19 8.02
N CYS A 380 -1.34 26.18 7.01
CA CYS A 380 0.00 25.60 7.20
C CYS A 380 0.88 26.44 8.19
N PHE A 381 0.46 27.67 8.56
CA PHE A 381 1.26 28.57 9.40
C PHE A 381 0.60 29.07 10.69
N ASP A 382 -0.70 28.79 10.91
CA ASP A 382 -1.40 29.34 12.08
C ASP A 382 -1.71 28.35 13.21
N GLY A 383 -0.97 27.24 13.28
CA GLY A 383 -1.16 26.27 14.37
C GLY A 383 -0.48 26.69 15.66
N THR A 384 -0.63 25.89 16.73
CA THR A 384 0.01 26.20 18.01
C THR A 384 1.51 25.86 18.00
N THR A 385 2.28 26.40 18.96
CA THR A 385 3.72 26.15 19.07
C THR A 385 4.08 24.67 19.11
N ASN A 386 3.23 23.83 19.73
CA ASN A 386 3.51 22.40 19.82
C ASN A 386 3.28 21.66 18.49
N ASN A 387 2.77 22.34 17.44
CA ASN A 387 2.63 21.78 16.10
C ASN A 387 3.78 22.20 15.16
N THR A 388 4.87 22.81 15.69
CA THR A 388 6.01 23.24 14.90
C THR A 388 6.70 22.01 14.28
N ILE A 389 6.97 22.03 12.97
CA ILE A 389 7.65 20.92 12.31
C ILE A 389 9.17 21.13 12.40
N MET A 390 9.91 20.10 12.83
CA MET A 390 11.37 20.22 12.99
C MET A 390 12.19 19.60 11.86
N GLU A 391 13.18 20.35 11.39
CA GLU A 391 14.09 19.89 10.35
CA GLU A 391 14.10 19.92 10.35
C GLU A 391 15.51 19.96 10.94
N ASP A 392 16.17 18.80 11.09
CA ASP A 392 17.52 18.70 11.67
C ASP A 392 17.59 19.33 13.07
N SER A 393 16.61 18.99 13.94
CA SER A 393 16.48 19.48 15.32
C SER A 393 16.36 21.01 15.46
N VAL A 394 15.77 21.68 14.45
CA VAL A 394 15.56 23.13 14.45
C VAL A 394 14.29 23.45 13.60
N PRO A 395 13.41 24.39 13.99
CA PRO A 395 12.18 24.63 13.21
C PRO A 395 12.36 24.80 11.69
N ALA A 396 11.59 24.02 10.91
CA ALA A 396 11.62 24.10 9.44
C ALA A 396 11.07 25.45 8.96
N GLU A 397 11.67 26.00 7.90
CA GLU A 397 11.25 27.31 7.39
C GLU A 397 10.96 27.30 5.89
N VAL A 398 9.96 28.09 5.44
CA VAL A 398 9.62 28.22 4.01
C VAL A 398 9.31 29.69 3.64
N TRP A 399 9.42 30.02 2.35
CA TRP A 399 8.96 31.32 1.87
C TRP A 399 7.51 31.10 1.43
N THR A 400 6.58 31.89 1.95
CA THR A 400 5.17 31.78 1.57
C THR A 400 4.96 32.31 0.13
N LYS A 401 3.78 32.07 -0.44
CA LYS A 401 3.44 32.58 -1.77
C LYS A 401 3.43 34.14 -1.80
N TYR A 402 3.37 34.81 -0.63
CA TYR A 402 3.45 36.27 -0.51
C TYR A 402 4.91 36.82 -0.44
N GLY A 403 5.88 35.93 -0.27
CA GLY A 403 7.28 36.32 -0.17
C GLY A 403 7.77 36.51 1.25
N GLU A 404 7.03 36.01 2.24
CA GLU A 404 7.41 36.12 3.65
C GLU A 404 8.03 34.81 4.17
N LYS A 405 9.12 34.89 4.94
CA LYS A 405 9.75 33.71 5.52
C LYS A 405 9.00 33.35 6.81
N ARG A 406 8.40 32.16 6.87
CA ARG A 406 7.63 31.73 8.03
C ARG A 406 7.96 30.32 8.51
N VAL A 407 7.76 30.08 9.82
CA VAL A 407 7.95 28.79 10.45
C VAL A 407 6.76 27.88 10.13
N LEU A 408 7.04 26.68 9.65
CA LEU A 408 6.04 25.65 9.31
C LEU A 408 5.36 25.17 10.61
N LYS A 409 4.09 25.57 10.81
CA LYS A 409 3.33 25.29 12.03
C LYS A 409 1.86 25.00 11.66
N PRO A 410 1.54 23.78 11.16
CA PRO A 410 0.16 23.53 10.69
C PRO A 410 -0.93 23.46 11.76
N ARG A 411 -2.13 23.93 11.42
CA ARG A 411 -3.29 23.90 12.32
C ARG A 411 -3.62 22.44 12.73
N TRP A 412 -3.44 21.49 11.79
CA TRP A 412 -3.64 20.06 12.04
C TRP A 412 -2.29 19.38 11.81
N MET A 413 -1.85 18.59 12.78
CA MET A 413 -0.57 17.90 12.68
C MET A 413 -0.71 16.40 12.32
N ASP A 414 -0.13 16.00 11.19
CA ASP A 414 -0.11 14.63 10.74
C ASP A 414 1.38 14.25 10.50
N ALA A 415 1.92 13.34 11.34
CA ALA A 415 3.33 12.89 11.32
C ALA A 415 3.83 12.38 9.98
N ARG A 416 2.94 11.91 9.11
CA ARG A 416 3.31 11.40 7.79
C ARG A 416 3.82 12.48 6.82
N VAL A 417 3.50 13.77 7.05
CA VAL A 417 4.02 14.84 6.19
C VAL A 417 5.53 15.11 6.44
N CYS A 418 6.12 14.52 7.50
CA CYS A 418 7.53 14.71 7.83
C CYS A 418 8.18 13.41 8.36
N SER A 419 7.75 12.23 7.88
CA SER A 419 8.29 10.93 8.33
C SER A 419 9.71 10.61 7.79
N ASP A 420 10.09 11.27 6.69
CA ASP A 420 11.40 11.16 6.07
C ASP A 420 11.78 12.48 5.36
N HIS A 421 13.00 12.59 4.82
CA HIS A 421 13.46 13.82 4.15
C HIS A 421 12.61 14.16 2.92
N ALA A 422 12.24 13.15 2.12
CA ALA A 422 11.43 13.34 0.91
C ALA A 422 10.02 13.86 1.22
N ALA A 423 9.35 13.31 2.24
CA ALA A 423 8.01 13.74 2.64
C ALA A 423 8.01 15.20 3.11
N LEU A 424 8.99 15.60 3.95
CA LEU A 424 9.05 16.99 4.45
C LEU A 424 9.34 17.99 3.31
N LYS A 425 10.22 17.62 2.36
CA LYS A 425 10.51 18.48 1.21
C LYS A 425 9.24 18.71 0.37
N SER A 426 8.40 17.68 0.21
CA SER A 426 7.15 17.79 -0.55
C SER A 426 6.09 18.62 0.22
N PHE A 427 6.04 18.51 1.57
CA PHE A 427 5.11 19.30 2.36
C PHE A 427 5.52 20.80 2.41
N LYS A 428 6.83 21.07 2.31
CA LYS A 428 7.34 22.44 2.26
C LYS A 428 6.92 23.11 0.95
N GLU A 429 6.96 22.36 -0.17
CA GLU A 429 6.54 22.85 -1.48
C GLU A 429 5.03 23.14 -1.51
N PHE A 430 4.21 22.30 -0.84
CA PHE A 430 2.76 22.51 -0.73
C PHE A 430 2.50 23.80 0.10
N ALA A 431 3.13 23.94 1.27
CA ALA A 431 2.95 25.15 2.09
C ALA A 431 3.33 26.46 1.37
N ALA A 432 4.32 26.37 0.47
CA ALA A 432 4.78 27.54 -0.29
C ALA A 432 3.85 27.95 -1.47
N GLY A 433 2.90 27.08 -1.83
CA GLY A 433 1.99 27.27 -2.95
C GLY A 433 2.59 26.83 -4.28
N LYS A 434 3.50 25.87 -4.25
CA LYS A 434 4.20 25.40 -5.45
C LYS A 434 3.45 24.32 -6.25
N ARG A 435 2.32 23.82 -5.74
CA ARG A 435 1.48 22.84 -6.44
C ARG A 435 0.02 22.89 -5.96
C1 EDO B . 1.74 2.44 -3.92
O1 EDO B . 1.61 2.78 -2.56
C2 EDO B . 2.95 3.13 -4.50
O2 EDO B . 3.68 2.22 -5.30
P PO4 C . 1.11 -16.73 -6.82
O1 PO4 C . 0.48 -15.63 -7.64
O2 PO4 C . 0.01 -17.64 -6.21
O3 PO4 C . 1.94 -16.12 -5.66
O4 PO4 C . 2.04 -17.60 -7.68
P PO4 D . 3.47 5.09 6.16
O1 PO4 D . 2.14 5.37 5.52
O2 PO4 D . 4.10 6.41 6.67
O3 PO4 D . 3.30 4.13 7.34
O4 PO4 D . 4.42 4.45 5.13
C1 MPD E . -6.90 7.69 -1.86
C2 MPD E . -6.52 8.23 -3.24
O2 MPD E . -5.26 8.90 -3.07
CM MPD E . -6.31 7.09 -4.22
C3 MPD E . -7.62 9.18 -3.76
C4 MPD E . -7.26 10.44 -4.54
O4 MPD E . -6.06 10.26 -5.31
C5 MPD E . -8.40 10.88 -5.43
C10 8C2 F . 22.22 -9.71 -13.58
C13 8C2 F . 24.63 -9.06 -15.17
C15 8C2 F . 22.67 -10.60 -14.74
C01 8C2 F . 19.60 -11.37 -9.72
C02 8C2 F . 18.70 -11.22 -10.89
N03 8C2 F . 17.35 -11.14 -10.75
N04 8C2 F . 16.71 -11.02 -11.94
C05 8C2 F . 17.69 -10.98 -12.86
C06 8C2 F . 17.35 -10.84 -14.30
C07 8C2 F . 18.94 -11.13 -12.24
C08 8C2 F . 20.29 -11.14 -12.90
N09 8C2 F . 20.78 -9.80 -13.25
C11 8C2 F . 22.66 -8.26 -13.81
C12 8C2 F . 24.17 -8.17 -14.03
C14 8C2 F . 24.18 -10.50 -14.96
#